data_1AX1
#
_entry.id   1AX1
#
_cell.length_a   84.060
_cell.length_b   72.970
_cell.length_c   71.240
_cell.angle_alpha   90.00
_cell.angle_beta   113.39
_cell.angle_gamma   90.00
#
_symmetry.space_group_name_H-M   'C 1 2 1'
#
loop_
_entity.id
_entity.type
_entity.pdbx_description
1 polymer LECTIN
2 branched beta-D-xylopyranose-(1-2)-[alpha-D-mannopyranose-(1-3)][alpha-D-mannopyranose-(1-6)]beta-D-mannopyranose-(1-4)-2-acetamido-2-deoxy-beta-D-glucopyranose-(1-4)-[alpha-L-fucopyranose-(1-3)]2-acetamido-2-deoxy-beta-D-glucopyranose
3 branched beta-D-galactopyranose-(1-4)-beta-D-glucopyranose
4 non-polymer 'MANGANESE (II) ION'
5 non-polymer 'CALCIUM ION'
6 water water
#
_entity_poly.entity_id   1
_entity_poly.type   'polypeptide(L)'
_entity_poly.pdbx_seq_one_letter_code
;VETISFSFSEFEPGNDNLTLQGAALITQSGVLQLTKINQNGMPAWDSTGRTLYAKPVHIWDMTTGTVASFETRFSFSIEQ
PYTRPLPADGLVFFMGPTKSKPAQGYGYLGIFNNSKQDNSYQTLGVEFDTFSNPWDPPQVPHIGIDVNSIRSIKTQPFQL
DNGQVANVVIKYDASSKILHAVLVYPSSGAIYTIAEIVDVKQVLPEWVDVGLSGATGAQRDAAETHDVYSWSFQASLPE
;
_entity_poly.pdbx_strand_id   A
#
loop_
_chem_comp.id
_chem_comp.type
_chem_comp.name
_chem_comp.formula
BGC D-saccharide, beta linking beta-D-glucopyranose 'C6 H12 O6'
BMA D-saccharide, beta linking beta-D-mannopyranose 'C6 H12 O6'
CA non-polymer 'CALCIUM ION' 'Ca 2'
FUC L-saccharide, alpha linking alpha-L-fucopyranose 'C6 H12 O5'
GAL D-saccharide, beta linking beta-D-galactopyranose 'C6 H12 O6'
MAN D-saccharide, alpha linking alpha-D-mannopyranose 'C6 H12 O6'
MN non-polymer 'MANGANESE (II) ION' 'Mn 2'
NAG D-saccharide, beta linking 2-acetamido-2-deoxy-beta-D-glucopyranose 'C8 H15 N O6'
XYP D-saccharide, beta linking beta-D-xylopyranose 'C5 H10 O5'
#
# COMPACT_ATOMS: atom_id res chain seq x y z
N VAL A 1 9.05 -2.48 -26.30
CA VAL A 1 8.31 -2.54 -25.01
C VAL A 1 9.24 -2.38 -23.81
N GLU A 2 8.95 -1.41 -22.96
CA GLU A 2 9.74 -1.19 -21.76
C GLU A 2 9.13 -2.05 -20.66
N THR A 3 9.93 -2.96 -20.11
CA THR A 3 9.45 -3.83 -19.05
C THR A 3 10.35 -3.76 -17.83
N ILE A 4 9.73 -3.82 -16.66
CA ILE A 4 10.45 -3.80 -15.40
C ILE A 4 9.75 -4.77 -14.46
N SER A 5 10.54 -5.51 -13.70
CA SER A 5 9.98 -6.47 -12.76
C SER A 5 10.94 -6.78 -11.63
N PHE A 6 10.37 -7.21 -10.51
CA PHE A 6 11.14 -7.61 -9.34
C PHE A 6 10.29 -8.58 -8.55
N SER A 7 10.94 -9.45 -7.79
CA SER A 7 10.24 -10.44 -7.00
C SER A 7 11.03 -10.74 -5.74
N PHE A 8 10.41 -10.49 -4.59
CA PHE A 8 11.05 -10.76 -3.31
C PHE A 8 10.24 -11.82 -2.59
N SER A 9 10.74 -13.06 -2.59
CA SER A 9 10.06 -14.17 -1.91
C SER A 9 10.19 -13.96 -0.41
N GLU A 10 11.21 -13.20 -0.03
CA GLU A 10 11.51 -12.84 1.35
C GLU A 10 12.42 -11.63 1.27
N PHE A 11 12.56 -10.92 2.37
CA PHE A 11 13.41 -9.73 2.39
C PHE A 11 14.72 -10.01 3.09
N GLU A 12 15.80 -9.48 2.52
CA GLU A 12 17.13 -9.66 3.09
C GLU A 12 17.59 -8.33 3.67
N PRO A 13 18.05 -8.33 4.94
CA PRO A 13 18.52 -7.08 5.54
C PRO A 13 19.75 -6.59 4.76
N GLY A 14 19.85 -5.28 4.56
CA GLY A 14 21.00 -4.75 3.84
C GLY A 14 20.83 -4.62 2.34
N ASN A 15 19.79 -5.26 1.80
CA ASN A 15 19.48 -5.21 0.36
C ASN A 15 19.46 -3.76 -0.13
N ASP A 16 20.08 -3.49 -1.28
CA ASP A 16 20.08 -2.12 -1.79
C ASP A 16 19.06 -1.86 -2.90
N ASN A 17 18.13 -2.79 -3.06
CA ASN A 17 17.07 -2.66 -4.06
C ASN A 17 15.80 -2.05 -3.49
N LEU A 18 15.81 -1.82 -2.17
CA LEU A 18 14.69 -1.24 -1.47
C LEU A 18 15.10 -0.05 -0.63
N THR A 19 14.31 1.00 -0.70
CA THR A 19 14.52 2.24 0.05
C THR A 19 13.59 2.21 1.26
N LEU A 20 14.16 2.07 2.45
CA LEU A 20 13.38 2.04 3.67
C LEU A 20 13.27 3.46 4.21
N GLN A 21 12.06 3.87 4.58
CA GLN A 21 11.85 5.20 5.11
C GLN A 21 11.06 5.12 6.42
N GLY A 22 11.23 6.12 7.26
CA GLY A 22 10.54 6.14 8.54
C GLY A 22 10.90 4.96 9.41
N ALA A 23 9.87 4.30 9.95
CA ALA A 23 10.06 3.16 10.83
C ALA A 23 10.35 1.83 10.13
N ALA A 24 10.17 1.77 8.81
CA ALA A 24 10.37 0.54 8.05
C ALA A 24 11.70 -0.14 8.36
N LEU A 25 11.65 -1.46 8.50
CA LEU A 25 12.81 -2.24 8.85
C LEU A 25 12.67 -3.70 8.41
N ILE A 26 13.76 -4.28 7.95
CA ILE A 26 13.76 -5.69 7.57
C ILE A 26 14.41 -6.51 8.69
N THR A 27 13.69 -7.51 9.20
CA THR A 27 14.20 -8.35 10.28
C THR A 27 15.13 -9.44 9.76
N GLN A 28 15.87 -10.06 10.68
CA GLN A 28 16.78 -11.15 10.35
C GLN A 28 16.01 -12.36 9.87
N SER A 29 14.73 -12.42 10.20
CA SER A 29 13.87 -13.52 9.78
C SER A 29 13.31 -13.32 8.37
N GLY A 30 13.69 -12.22 7.73
CA GLY A 30 13.24 -11.95 6.37
C GLY A 30 11.91 -11.25 6.22
N VAL A 31 11.40 -10.68 7.30
CA VAL A 31 10.12 -9.98 7.29
C VAL A 31 10.30 -8.46 7.23
N LEU A 32 9.45 -7.80 6.45
CA LEU A 32 9.46 -6.35 6.35
C LEU A 32 8.41 -5.80 7.30
N GLN A 33 8.87 -5.15 8.37
CA GLN A 33 7.96 -4.55 9.34
C GLN A 33 7.83 -3.08 8.99
N LEU A 34 6.70 -2.71 8.40
CA LEU A 34 6.46 -1.33 8.00
C LEU A 34 6.41 -0.38 9.19
N THR A 35 5.77 -0.82 10.27
CA THR A 35 5.68 0.00 11.45
C THR A 35 6.41 -0.65 12.62
N LYS A 36 6.83 0.19 13.57
CA LYS A 36 7.61 -0.25 14.72
C LYS A 36 6.98 -1.23 15.72
N ILE A 37 7.80 -2.20 16.12
CA ILE A 37 7.44 -3.20 17.11
C ILE A 37 8.37 -2.93 18.29
N ASN A 38 7.81 -2.72 19.47
CA ASN A 38 8.61 -2.45 20.67
C ASN A 38 9.44 -3.64 21.14
N GLN A 39 10.23 -3.41 22.17
CA GLN A 39 11.08 -4.45 22.75
C GLN A 39 10.24 -5.57 23.36
N ASN A 40 9.07 -5.19 23.89
CA ASN A 40 8.15 -6.14 24.49
C ASN A 40 7.37 -6.94 23.44
N GLY A 41 7.68 -6.69 22.17
CA GLY A 41 7.00 -7.40 21.08
C GLY A 41 5.65 -6.85 20.67
N MET A 42 5.25 -5.72 21.24
CA MET A 42 3.97 -5.09 20.92
C MET A 42 4.19 -3.99 19.88
N PRO A 43 3.21 -3.75 18.99
CA PRO A 43 3.33 -2.71 17.97
C PRO A 43 3.25 -1.32 18.60
N ALA A 44 4.17 -0.43 18.21
CA ALA A 44 4.19 0.93 18.73
C ALA A 44 3.24 1.87 18.00
N TRP A 45 2.58 2.76 18.75
CA TRP A 45 1.66 3.74 18.15
C TRP A 45 2.48 4.91 17.65
N ASP A 46 1.86 5.82 16.90
CA ASP A 46 2.55 7.00 16.35
C ASP A 46 3.76 6.57 15.50
N SER A 47 3.56 5.60 14.62
CA SER A 47 4.64 5.11 13.79
C SER A 47 4.27 5.07 12.31
N THR A 48 5.22 5.45 11.46
CA THR A 48 5.02 5.46 10.01
C THR A 48 6.27 4.92 9.34
N GLY A 49 6.09 4.02 8.39
CA GLY A 49 7.21 3.44 7.69
C GLY A 49 6.82 3.12 6.26
N ARG A 50 7.77 3.27 5.34
CA ARG A 50 7.53 2.99 3.92
C ARG A 50 8.70 2.25 3.31
N THR A 51 8.44 1.62 2.17
CA THR A 51 9.46 0.93 1.43
C THR A 51 9.17 1.15 -0.05
N LEU A 52 10.14 1.71 -0.75
CA LEU A 52 10.01 1.99 -2.17
C LEU A 52 11.04 1.19 -2.94
N TYR A 53 10.66 0.70 -4.12
CA TYR A 53 11.60 -0.03 -4.95
C TYR A 53 12.61 1.04 -5.40
N ALA A 54 13.90 0.68 -5.40
CA ALA A 54 14.99 1.59 -5.75
C ALA A 54 15.05 2.12 -7.19
N LYS A 55 14.25 1.57 -8.10
CA LYS A 55 14.23 2.05 -9.49
C LYS A 55 12.87 2.62 -9.88
N PRO A 56 12.84 3.76 -10.60
CA PRO A 56 11.60 4.39 -11.03
C PRO A 56 10.99 3.54 -12.13
N VAL A 57 9.67 3.59 -12.26
CA VAL A 57 8.96 2.80 -13.26
C VAL A 57 8.36 3.72 -14.31
N HIS A 58 8.53 3.36 -15.57
CA HIS A 58 7.99 4.14 -16.68
C HIS A 58 6.54 3.67 -16.86
N ILE A 59 5.61 4.42 -16.30
CA ILE A 59 4.19 4.06 -16.35
C ILE A 59 3.46 4.50 -17.62
N TRP A 60 3.82 5.65 -18.18
CA TRP A 60 3.22 6.11 -19.42
C TRP A 60 4.12 7.09 -20.16
N ASP A 61 3.90 7.19 -21.47
CA ASP A 61 4.70 8.07 -22.31
C ASP A 61 3.86 9.18 -22.94
N MET A 62 4.20 10.42 -22.64
CA MET A 62 3.50 11.60 -23.15
C MET A 62 3.54 11.71 -24.67
N THR A 63 4.67 11.38 -25.27
CA THR A 63 4.86 11.45 -26.72
C THR A 63 3.94 10.50 -27.50
N THR A 64 4.03 9.21 -27.20
CA THR A 64 3.22 8.21 -27.86
C THR A 64 1.83 8.07 -27.25
N GLY A 65 1.68 8.51 -26.01
CA GLY A 65 0.39 8.42 -25.35
C GLY A 65 0.07 7.03 -24.81
N THR A 66 1.04 6.11 -24.95
CA THR A 66 0.85 4.75 -24.46
C THR A 66 1.01 4.69 -22.95
N VAL A 67 0.33 3.74 -22.33
CA VAL A 67 0.40 3.55 -20.89
C VAL A 67 0.64 2.08 -20.57
N ALA A 68 1.40 1.85 -19.51
CA ALA A 68 1.75 0.51 -19.09
C ALA A 68 0.67 -0.24 -18.33
N SER A 69 0.66 -1.55 -18.52
CA SER A 69 -0.22 -2.43 -17.79
C SER A 69 0.72 -2.93 -16.71
N PHE A 70 0.20 -3.23 -15.52
CA PHE A 70 1.06 -3.73 -14.46
C PHE A 70 0.33 -4.65 -13.51
N GLU A 71 1.11 -5.37 -12.71
CA GLU A 71 0.55 -6.28 -11.73
C GLU A 71 1.49 -6.36 -10.55
N THR A 72 0.90 -6.40 -9.36
CA THR A 72 1.69 -6.54 -8.16
C THR A 72 1.01 -7.54 -7.24
N ARG A 73 1.83 -8.29 -6.53
CA ARG A 73 1.36 -9.28 -5.58
C ARG A 73 2.18 -9.18 -4.30
N PHE A 74 1.51 -9.32 -3.17
CA PHE A 74 2.20 -9.27 -1.89
C PHE A 74 1.41 -9.94 -0.79
N SER A 75 2.11 -10.35 0.26
CA SER A 75 1.51 -10.99 1.40
C SER A 75 1.80 -10.19 2.65
N PHE A 76 0.78 -9.97 3.47
CA PHE A 76 0.96 -9.22 4.71
C PHE A 76 0.12 -9.82 5.82
N SER A 77 0.38 -9.36 7.04
CA SER A 77 -0.41 -9.77 8.18
C SER A 77 -0.52 -8.57 9.11
N ILE A 78 -1.71 -8.40 9.67
CA ILE A 78 -2.00 -7.34 10.61
C ILE A 78 -2.47 -8.02 11.88
N GLU A 79 -1.84 -7.67 12.99
CA GLU A 79 -2.19 -8.23 14.28
C GLU A 79 -2.62 -7.08 15.21
N GLN A 80 -3.83 -7.18 15.76
CA GLN A 80 -4.40 -6.18 16.67
C GLN A 80 -4.52 -6.85 18.05
N PRO A 81 -3.55 -6.58 18.93
CA PRO A 81 -3.46 -7.11 20.30
C PRO A 81 -4.38 -6.58 21.39
N TYR A 82 -4.92 -5.38 21.21
CA TYR A 82 -5.80 -4.78 22.22
C TYR A 82 -7.23 -4.61 21.81
N THR A 83 -8.12 -4.72 22.79
CA THR A 83 -9.55 -4.53 22.57
C THR A 83 -9.84 -3.03 22.53
N ARG A 84 -9.07 -2.26 23.31
CA ARG A 84 -9.23 -0.81 23.34
C ARG A 84 -7.89 -0.16 23.64
N PRO A 85 -7.60 1.00 23.02
CA PRO A 85 -8.47 1.70 22.07
C PRO A 85 -8.53 0.96 20.75
N LEU A 86 -9.35 1.46 19.82
CA LEU A 86 -9.47 0.84 18.52
C LEU A 86 -8.11 0.89 17.81
N PRO A 87 -7.75 -0.17 17.08
CA PRO A 87 -6.48 -0.22 16.36
C PRO A 87 -6.47 0.73 15.16
N ALA A 88 -5.29 1.07 14.66
CA ALA A 88 -5.13 1.99 13.54
C ALA A 88 -3.71 1.84 13.00
N ASP A 89 -3.41 2.31 11.78
CA ASP A 89 -4.35 2.95 10.86
C ASP A 89 -4.52 2.17 9.56
N GLY A 90 -3.52 1.35 9.23
CA GLY A 90 -3.57 0.55 8.03
C GLY A 90 -2.32 0.60 7.20
N LEU A 91 -2.37 0.00 6.02
CA LEU A 91 -1.23 0.00 5.12
C LEU A 91 -1.74 0.25 3.71
N VAL A 92 -0.84 0.58 2.79
CA VAL A 92 -1.25 0.89 1.43
C VAL A 92 -0.15 0.65 0.40
N PHE A 93 -0.57 0.21 -0.78
CA PHE A 93 0.34 0.03 -1.92
C PHE A 93 0.11 1.31 -2.72
N PHE A 94 1.19 1.98 -3.13
CA PHE A 94 1.01 3.22 -3.87
C PHE A 94 2.03 3.47 -4.96
N MET A 95 1.66 4.37 -5.87
CA MET A 95 2.50 4.81 -6.97
C MET A 95 2.36 6.32 -6.97
N GLY A 96 3.48 7.02 -7.09
CA GLY A 96 3.46 8.47 -7.09
C GLY A 96 4.76 9.06 -7.60
N PRO A 97 4.97 10.39 -7.44
CA PRO A 97 6.18 11.09 -7.87
C PRO A 97 7.46 10.46 -7.33
N THR A 98 8.49 10.45 -8.17
CA THR A 98 9.79 9.91 -7.80
C THR A 98 10.49 10.76 -6.74
N LYS A 99 11.41 10.15 -6.01
CA LYS A 99 12.18 10.83 -4.97
C LYS A 99 11.32 11.39 -3.83
N SER A 100 10.19 10.76 -3.55
CA SER A 100 9.32 11.24 -2.48
C SER A 100 9.73 10.76 -1.10
N LYS A 101 9.33 11.53 -0.10
CA LYS A 101 9.59 11.22 1.30
C LYS A 101 8.23 11.02 1.97
N PRO A 102 8.20 10.40 3.16
CA PRO A 102 6.92 10.17 3.86
C PRO A 102 6.12 11.45 4.08
N ALA A 103 4.80 11.35 3.97
CA ALA A 103 3.94 12.51 4.19
C ALA A 103 3.36 12.36 5.59
N GLN A 104 2.11 12.74 5.78
CA GLN A 104 1.45 12.63 7.08
C GLN A 104 1.13 11.18 7.42
N GLY A 105 1.30 10.82 8.69
CA GLY A 105 1.00 9.48 9.12
C GLY A 105 -0.47 9.35 9.48
N TYR A 106 -0.75 8.48 10.45
CA TYR A 106 -2.10 8.21 10.93
C TYR A 106 -3.05 7.86 9.78
N GLY A 107 -4.25 8.44 9.79
CA GLY A 107 -5.25 8.18 8.77
C GLY A 107 -4.82 8.51 7.36
N TYR A 108 -3.73 9.28 7.22
CA TYR A 108 -3.22 9.64 5.90
C TYR A 108 -2.27 8.59 5.34
N LEU A 109 -2.00 7.58 6.15
CA LEU A 109 -1.18 6.43 5.79
C LEU A 109 0.24 6.69 5.26
N GLY A 110 0.75 7.90 5.48
CA GLY A 110 2.09 8.21 5.02
C GLY A 110 2.21 8.67 3.58
N ILE A 111 1.08 8.89 2.91
CA ILE A 111 1.10 9.32 1.51
C ILE A 111 0.31 10.59 1.16
N PHE A 112 -0.47 11.10 2.11
CA PHE A 112 -1.24 12.32 1.90
C PHE A 112 -1.01 13.29 3.06
N ASN A 113 -1.30 14.57 2.83
CA ASN A 113 -1.10 15.59 3.86
C ASN A 113 -2.39 16.11 4.46
N ASN A 114 -3.50 15.81 3.80
CA ASN A 114 -4.82 16.22 4.23
C ASN A 114 -5.86 15.31 3.58
N SER A 115 -7.14 15.65 3.71
CA SER A 115 -8.20 14.84 3.13
C SER A 115 -8.84 15.46 1.89
N LYS A 116 -8.09 16.33 1.23
CA LYS A 116 -8.57 16.97 0.00
C LYS A 116 -8.24 16.08 -1.20
N GLN A 117 -8.97 16.27 -2.29
CA GLN A 117 -8.71 15.55 -3.52
C GLN A 117 -7.94 16.56 -4.36
N ASP A 118 -6.61 16.49 -4.26
CA ASP A 118 -5.71 17.41 -4.92
C ASP A 118 -4.93 16.74 -6.04
N ASN A 119 -5.04 17.29 -7.25
CA ASN A 119 -4.33 16.74 -8.40
C ASN A 119 -2.81 16.79 -8.26
N SER A 120 -2.31 17.69 -7.41
CA SER A 120 -0.87 17.81 -7.22
C SER A 120 -0.29 16.61 -6.48
N TYR A 121 -1.14 15.79 -5.87
CA TYR A 121 -0.65 14.60 -5.16
C TYR A 121 -0.06 13.61 -6.16
N GLN A 122 -0.68 13.51 -7.34
CA GLN A 122 -0.25 12.59 -8.40
C GLN A 122 -0.01 11.20 -7.85
N THR A 123 -0.92 10.74 -7.00
CA THR A 123 -0.79 9.45 -6.33
C THR A 123 -1.99 8.53 -6.50
N LEU A 124 -1.68 7.26 -6.75
CA LEU A 124 -2.67 6.20 -6.92
C LEU A 124 -2.32 5.19 -5.82
N GLY A 125 -3.31 4.77 -5.04
CA GLY A 125 -3.06 3.82 -3.99
C GLY A 125 -4.20 2.85 -3.73
N VAL A 126 -3.85 1.66 -3.23
CA VAL A 126 -4.85 0.66 -2.86
C VAL A 126 -4.60 0.43 -1.38
N GLU A 127 -5.52 0.93 -0.56
CA GLU A 127 -5.39 0.83 0.88
C GLU A 127 -6.11 -0.34 1.53
N PHE A 128 -5.63 -0.67 2.73
CA PHE A 128 -6.16 -1.72 3.58
C PHE A 128 -6.24 -0.95 4.90
N ASP A 129 -7.36 -0.23 5.00
CA ASP A 129 -7.69 0.69 6.08
C ASP A 129 -8.35 0.04 7.29
N THR A 130 -7.71 0.18 8.44
CA THR A 130 -8.23 -0.42 9.67
C THR A 130 -8.92 0.52 10.67
N PHE A 131 -8.88 1.82 10.41
CA PHE A 131 -9.52 2.79 11.31
C PHE A 131 -10.45 3.70 10.53
N SER A 132 -11.66 3.86 11.04
CA SER A 132 -12.67 4.70 10.40
C SER A 132 -12.57 6.20 10.75
N ASN A 133 -11.96 6.97 9.83
CA ASN A 133 -11.82 8.42 9.98
C ASN A 133 -13.12 9.06 9.48
N PRO A 134 -13.29 10.37 9.67
CA PRO A 134 -14.53 11.00 9.22
C PRO A 134 -14.78 10.93 7.71
N TRP A 135 -13.72 10.74 6.93
CA TRP A 135 -13.84 10.62 5.47
C TRP A 135 -14.05 9.17 5.02
N ASP A 136 -14.02 8.23 5.97
CA ASP A 136 -14.16 6.82 5.68
C ASP A 136 -15.57 6.27 5.85
N PRO A 137 -15.87 5.13 5.21
CA PRO A 137 -17.18 4.54 5.38
C PRO A 137 -17.13 3.99 6.82
N PRO A 138 -18.27 3.66 7.42
CA PRO A 138 -18.27 3.14 8.79
C PRO A 138 -17.55 1.81 8.99
N GLN A 139 -17.66 0.93 8.00
CA GLN A 139 -17.05 -0.39 8.07
C GLN A 139 -15.53 -0.43 7.93
N VAL A 140 -14.89 -1.08 8.89
CA VAL A 140 -13.45 -1.28 8.88
C VAL A 140 -13.21 -2.71 9.37
N PRO A 141 -12.19 -3.41 8.81
CA PRO A 141 -11.32 -2.85 7.78
C PRO A 141 -11.96 -2.84 6.40
N HIS A 142 -11.37 -2.08 5.48
CA HIS A 142 -11.87 -2.00 4.12
C HIS A 142 -10.73 -1.77 3.14
N ILE A 143 -10.92 -2.29 1.93
CA ILE A 143 -9.97 -2.10 0.85
C ILE A 143 -10.47 -0.81 0.19
N GLY A 144 -9.56 0.03 -0.27
CA GLY A 144 -9.97 1.25 -0.92
C GLY A 144 -9.07 1.63 -2.06
N ILE A 145 -9.65 2.19 -3.12
CA ILE A 145 -8.88 2.66 -4.27
C ILE A 145 -8.83 4.18 -4.12
N ASP A 146 -7.61 4.68 -3.88
CA ASP A 146 -7.35 6.10 -3.68
C ASP A 146 -6.74 6.76 -4.91
N VAL A 147 -7.38 7.82 -5.39
CA VAL A 147 -6.93 8.56 -6.56
C VAL A 147 -6.81 10.03 -6.17
N ASN A 148 -5.57 10.46 -5.87
CA ASN A 148 -5.26 11.83 -5.47
C ASN A 148 -5.97 12.27 -4.19
N SER A 149 -6.37 11.29 -3.38
CA SER A 149 -7.07 11.58 -2.13
C SER A 149 -7.19 10.36 -1.24
N ILE A 150 -7.28 10.60 0.06
CA ILE A 150 -7.43 9.54 1.05
C ILE A 150 -8.91 9.10 1.07
N ARG A 151 -9.77 9.92 0.48
CA ARG A 151 -11.20 9.61 0.38
C ARG A 151 -11.34 8.73 -0.86
N SER A 152 -11.37 7.41 -0.65
CA SER A 152 -11.45 6.45 -1.74
C SER A 152 -12.60 6.67 -2.71
N ILE A 153 -12.36 6.36 -3.98
CA ILE A 153 -13.42 6.49 -4.99
C ILE A 153 -14.28 5.23 -4.96
N LYS A 154 -13.76 4.16 -4.35
CA LYS A 154 -14.45 2.89 -4.25
C LYS A 154 -13.93 2.19 -3.00
N THR A 155 -14.83 1.57 -2.27
CA THR A 155 -14.48 0.87 -1.03
C THR A 155 -15.08 -0.53 -0.95
N GLN A 156 -14.39 -1.44 -0.29
CA GLN A 156 -14.86 -2.82 -0.12
C GLN A 156 -14.48 -3.31 1.27
N PRO A 157 -15.45 -3.46 2.16
CA PRO A 157 -15.12 -3.93 3.51
C PRO A 157 -14.75 -5.41 3.52
N PHE A 158 -13.90 -5.78 4.47
CA PHE A 158 -13.48 -7.14 4.62
C PHE A 158 -13.29 -7.47 6.09
N GLN A 159 -13.31 -8.75 6.41
CA GLN A 159 -13.13 -9.18 7.79
C GLN A 159 -11.68 -9.54 8.02
N LEU A 160 -11.08 -8.94 9.04
CA LEU A 160 -9.70 -9.21 9.36
C LEU A 160 -9.56 -10.57 10.07
N ASP A 161 -8.60 -11.35 9.60
CA ASP A 161 -8.28 -12.64 10.19
C ASP A 161 -7.02 -12.27 10.97
N ASN A 162 -7.22 -11.93 12.25
CA ASN A 162 -6.15 -11.49 13.14
C ASN A 162 -4.84 -12.28 13.14
N GLY A 163 -3.78 -11.66 12.66
CA GLY A 163 -2.48 -12.31 12.62
C GLY A 163 -2.26 -13.30 11.49
N GLN A 164 -3.28 -13.53 10.67
CA GLN A 164 -3.16 -14.47 9.55
C GLN A 164 -2.64 -13.76 8.32
N VAL A 165 -1.96 -14.51 7.45
CA VAL A 165 -1.40 -13.97 6.22
C VAL A 165 -2.45 -13.79 5.12
N ALA A 166 -2.51 -12.60 4.55
CA ALA A 166 -3.43 -12.30 3.47
C ALA A 166 -2.63 -12.17 2.18
N ASN A 167 -3.15 -12.73 1.09
CA ASN A 167 -2.49 -12.64 -0.20
C ASN A 167 -3.21 -11.58 -1.02
N VAL A 168 -2.45 -10.68 -1.63
CA VAL A 168 -3.05 -9.61 -2.44
C VAL A 168 -2.56 -9.63 -3.88
N VAL A 169 -3.49 -9.41 -4.82
CA VAL A 169 -3.17 -9.32 -6.25
C VAL A 169 -3.84 -8.04 -6.78
N ILE A 170 -3.03 -7.15 -7.34
CA ILE A 170 -3.53 -5.90 -7.91
C ILE A 170 -3.06 -5.87 -9.36
N LYS A 171 -4.02 -5.74 -10.28
CA LYS A 171 -3.72 -5.74 -11.70
C LYS A 171 -4.36 -4.55 -12.39
N TYR A 172 -3.64 -3.98 -13.34
CA TYR A 172 -4.14 -2.85 -14.10
C TYR A 172 -3.99 -3.14 -15.58
N ASP A 173 -5.11 -3.11 -16.29
CA ASP A 173 -5.13 -3.33 -17.74
C ASP A 173 -5.24 -1.95 -18.39
N ALA A 174 -4.17 -1.50 -19.02
CA ALA A 174 -4.15 -0.18 -19.65
C ALA A 174 -5.19 -0.05 -20.76
N SER A 175 -5.45 -1.13 -21.47
CA SER A 175 -6.41 -1.09 -22.57
C SER A 175 -7.82 -0.73 -22.09
N SER A 176 -8.28 -1.41 -21.04
CA SER A 176 -9.62 -1.17 -20.50
C SER A 176 -9.62 -0.14 -19.38
N LYS A 177 -8.44 0.19 -18.88
CA LYS A 177 -8.31 1.15 -17.78
C LYS A 177 -8.89 0.64 -16.47
N ILE A 178 -8.96 -0.68 -16.34
CA ILE A 178 -9.50 -1.30 -15.13
C ILE A 178 -8.42 -1.66 -14.12
N LEU A 179 -8.58 -1.14 -12.89
CA LEU A 179 -7.68 -1.48 -11.80
C LEU A 179 -8.46 -2.50 -10.97
N HIS A 180 -8.02 -3.77 -11.00
CA HIS A 180 -8.69 -4.79 -10.20
C HIS A 180 -7.80 -5.37 -9.11
N ALA A 181 -8.35 -5.42 -7.90
CA ALA A 181 -7.63 -5.93 -6.74
C ALA A 181 -8.38 -7.07 -6.05
N VAL A 182 -7.61 -8.03 -5.54
CA VAL A 182 -8.16 -9.20 -4.86
C VAL A 182 -7.42 -9.47 -3.54
N LEU A 183 -8.17 -9.79 -2.49
CA LEU A 183 -7.58 -10.14 -1.21
C LEU A 183 -8.11 -11.53 -0.84
N VAL A 184 -7.19 -12.42 -0.50
CA VAL A 184 -7.51 -13.78 -0.14
C VAL A 184 -6.84 -14.20 1.17
N TYR A 185 -7.62 -14.78 2.08
CA TYR A 185 -7.08 -15.28 3.35
C TYR A 185 -7.11 -16.81 3.24
N PRO A 186 -5.94 -17.43 2.95
CA PRO A 186 -5.86 -18.90 2.81
C PRO A 186 -6.38 -19.60 4.08
N SER A 187 -6.15 -18.97 5.22
CA SER A 187 -6.58 -19.49 6.51
C SER A 187 -8.08 -19.76 6.55
N SER A 188 -8.87 -18.74 6.23
CA SER A 188 -10.32 -18.86 6.24
C SER A 188 -10.93 -19.14 4.87
N GLY A 189 -10.13 -18.96 3.82
CA GLY A 189 -10.64 -19.18 2.47
C GLY A 189 -11.43 -18.01 1.93
N ALA A 190 -11.49 -16.93 2.71
CA ALA A 190 -12.22 -15.73 2.31
C ALA A 190 -11.61 -15.04 1.09
N ILE A 191 -12.46 -14.61 0.17
CA ILE A 191 -12.02 -13.92 -1.04
C ILE A 191 -12.76 -12.59 -1.17
N TYR A 192 -12.03 -11.51 -1.39
CA TYR A 192 -12.65 -10.21 -1.56
C TYR A 192 -12.13 -9.60 -2.86
N THR A 193 -13.02 -8.94 -3.59
CA THR A 193 -12.65 -8.35 -4.85
C THR A 193 -13.17 -6.93 -4.98
N ILE A 194 -12.39 -6.08 -5.65
CA ILE A 194 -12.77 -4.69 -5.86
C ILE A 194 -12.18 -4.24 -7.19
N ALA A 195 -12.93 -3.43 -7.92
CA ALA A 195 -12.47 -2.94 -9.22
C ALA A 195 -13.06 -1.58 -9.53
N GLU A 196 -12.33 -0.80 -10.30
CA GLU A 196 -12.78 0.52 -10.67
C GLU A 196 -11.97 0.99 -11.86
N ILE A 197 -12.55 1.87 -12.67
CA ILE A 197 -11.89 2.41 -13.83
C ILE A 197 -10.99 3.56 -13.41
N VAL A 198 -9.72 3.49 -13.78
CA VAL A 198 -8.76 4.53 -13.44
C VAL A 198 -7.85 4.79 -14.63
N ASP A 199 -7.87 6.01 -15.15
CA ASP A 199 -7.00 6.35 -16.27
C ASP A 199 -5.77 7.00 -15.63
N VAL A 200 -4.68 6.23 -15.54
CA VAL A 200 -3.47 6.72 -14.91
C VAL A 200 -2.84 7.95 -15.55
N LYS A 201 -3.09 8.19 -16.84
CA LYS A 201 -2.54 9.36 -17.53
C LYS A 201 -3.07 10.64 -16.92
N GLN A 202 -4.24 10.57 -16.31
CA GLN A 202 -4.87 11.72 -15.67
C GLN A 202 -4.39 11.91 -14.23
N VAL A 203 -3.76 10.88 -13.67
CA VAL A 203 -3.31 10.90 -12.28
C VAL A 203 -1.81 10.97 -12.03
N LEU A 204 -1.10 10.00 -12.58
CA LEU A 204 0.34 9.87 -12.37
C LEU A 204 1.26 10.53 -13.38
N PRO A 205 2.52 10.82 -12.94
CA PRO A 205 3.51 11.43 -13.83
C PRO A 205 4.02 10.26 -14.68
N GLU A 206 4.79 10.55 -15.73
CA GLU A 206 5.29 9.50 -16.60
C GLU A 206 6.17 8.46 -15.91
N TRP A 207 6.94 8.90 -14.92
CA TRP A 207 7.80 8.03 -14.15
C TRP A 207 7.34 8.10 -12.71
N VAL A 208 7.25 6.95 -12.06
CA VAL A 208 6.79 6.90 -10.67
C VAL A 208 7.61 5.95 -9.80
N ASP A 209 7.50 6.15 -8.49
CA ASP A 209 8.14 5.24 -7.55
C ASP A 209 6.98 4.39 -7.05
N VAL A 210 7.23 3.09 -6.87
CA VAL A 210 6.21 2.18 -6.36
C VAL A 210 6.64 1.79 -4.95
N GLY A 211 5.66 1.65 -4.06
CA GLY A 211 5.99 1.30 -2.70
C GLY A 211 4.83 0.86 -1.83
N LEU A 212 5.18 0.59 -0.57
CA LEU A 212 4.24 0.16 0.45
C LEU A 212 4.45 1.08 1.64
N SER A 213 3.37 1.48 2.28
CA SER A 213 3.43 2.37 3.44
C SER A 213 2.45 1.90 4.49
N GLY A 214 2.83 2.07 5.77
CA GLY A 214 1.98 1.68 6.87
C GLY A 214 2.04 2.72 7.98
N ALA A 215 1.00 2.77 8.80
CA ALA A 215 0.97 3.75 9.90
C ALA A 215 0.14 3.27 11.08
N THR A 216 0.59 3.63 12.28
CA THR A 216 -0.16 3.31 13.50
C THR A 216 -0.81 4.62 14.01
N GLY A 217 -1.75 4.49 14.94
CA GLY A 217 -2.50 5.61 15.47
C GLY A 217 -1.89 6.80 16.19
N ALA A 218 -2.75 7.81 16.37
CA ALA A 218 -2.40 9.09 17.02
C ALA A 218 -2.48 9.13 18.55
N GLN A 219 -2.90 8.04 19.19
CA GLN A 219 -2.97 7.99 20.65
C GLN A 219 -2.39 6.69 21.17
N ARG A 220 -2.02 6.68 22.44
CA ARG A 220 -1.41 5.51 23.07
C ARG A 220 -2.14 4.19 22.84
N ASP A 221 -1.40 3.22 22.30
CA ASP A 221 -1.89 1.87 22.03
C ASP A 221 -2.85 1.68 20.87
N ALA A 222 -3.15 2.76 20.14
CA ALA A 222 -4.01 2.65 18.97
C ALA A 222 -3.01 2.18 17.91
N ALA A 223 -2.72 0.87 17.94
CA ALA A 223 -1.74 0.30 17.04
C ALA A 223 -2.01 -1.15 16.65
N GLU A 224 -1.21 -1.64 15.70
CA GLU A 224 -1.32 -3.00 15.17
C GLU A 224 -0.06 -3.19 14.35
N THR A 225 0.23 -4.42 13.94
CA THR A 225 1.41 -4.68 13.13
C THR A 225 1.06 -4.50 11.66
N HIS A 226 2.07 -4.28 10.82
CA HIS A 226 1.91 -4.15 9.38
C HIS A 226 3.13 -4.85 8.79
N ASP A 227 3.10 -6.18 8.82
CA ASP A 227 4.20 -7.01 8.32
C ASP A 227 3.99 -7.54 6.91
N VAL A 228 5.02 -7.41 6.08
CA VAL A 228 4.98 -7.86 4.69
C VAL A 228 6.00 -8.99 4.53
N TYR A 229 5.55 -10.10 3.95
CA TYR A 229 6.39 -11.29 3.76
C TYR A 229 7.02 -11.46 2.39
N SER A 230 6.37 -10.92 1.36
CA SER A 230 6.89 -11.02 0.00
C SER A 230 6.25 -9.93 -0.83
N TRP A 231 6.86 -9.62 -1.97
CA TRP A 231 6.35 -8.59 -2.86
C TRP A 231 6.98 -8.70 -4.25
N SER A 232 6.13 -8.75 -5.27
CA SER A 232 6.61 -8.81 -6.64
C SER A 232 5.85 -7.78 -7.44
N PHE A 233 6.47 -7.32 -8.52
CA PHE A 233 5.87 -6.33 -9.38
C PHE A 233 6.40 -6.52 -10.80
N GLN A 234 5.55 -6.20 -11.77
CA GLN A 234 5.91 -6.33 -13.18
C GLN A 234 5.11 -5.26 -13.93
N ALA A 235 5.77 -4.56 -14.85
CA ALA A 235 5.11 -3.54 -15.65
C ALA A 235 5.64 -3.56 -17.06
N SER A 236 4.75 -3.37 -18.02
CA SER A 236 5.12 -3.36 -19.44
C SER A 236 4.53 -2.18 -20.15
N LEU A 237 5.42 -1.35 -20.70
CA LEU A 237 5.02 -0.16 -21.45
C LEU A 237 5.15 -0.48 -22.93
N PRO A 238 4.02 -0.63 -23.64
CA PRO A 238 4.02 -0.93 -25.08
C PRO A 238 4.68 0.27 -25.76
N GLU A 239 6.00 0.20 -25.86
CA GLU A 239 6.80 1.27 -26.44
C GLU A 239 8.29 0.87 -26.37
C1 NAG B . 19.28 -6.12 -6.60
C2 NAG B . 18.84 -5.85 -8.05
C3 NAG B . 19.93 -6.30 -9.02
C4 NAG B . 21.29 -5.74 -8.63
C5 NAG B . 21.57 -6.06 -7.17
C6 NAG B . 22.89 -5.51 -6.67
C7 NAG B . 16.47 -5.89 -8.52
C8 NAG B . 15.22 -6.72 -8.80
N2 NAG B . 17.60 -6.56 -8.32
O3 NAG B . 19.61 -5.87 -10.36
O4 NAG B . 22.31 -6.32 -9.46
O5 NAG B . 20.54 -5.50 -6.34
O6 NAG B . 22.91 -4.10 -6.75
O7 NAG B . 16.39 -4.66 -8.52
C1 NAG B . 23.18 -5.44 -10.07
C2 NAG B . 24.43 -6.18 -10.53
C3 NAG B . 25.37 -5.24 -11.28
C4 NAG B . 24.65 -4.44 -12.36
C5 NAG B . 23.32 -3.87 -11.84
C6 NAG B . 22.47 -3.25 -12.92
C7 NAG B . 25.39 -8.02 -9.29
C8 NAG B . 26.15 -8.50 -8.07
N2 NAG B . 25.14 -6.72 -9.38
O3 NAG B . 26.40 -6.02 -11.87
O4 NAG B . 25.50 -3.34 -12.79
O5 NAG B . 22.53 -4.89 -11.21
O6 NAG B . 21.91 -2.02 -12.49
O7 NAG B . 25.00 -8.81 -10.14
C1 BMA B . 26.40 -3.57 -13.82
C2 BMA B . 26.80 -2.24 -14.45
C3 BMA B . 27.77 -2.50 -15.59
C4 BMA B . 28.97 -3.29 -15.06
C5 BMA B . 28.54 -4.53 -14.27
C6 BMA B . 29.73 -5.11 -13.55
O2 BMA B . 27.45 -1.45 -13.46
O3 BMA B . 28.24 -1.25 -16.10
O4 BMA B . 29.80 -3.70 -16.13
O5 BMA B . 27.57 -4.18 -13.26
O6 BMA B . 29.31 -6.17 -12.70
C1 XYP B . 26.70 -0.55 -12.74
C2 XYP B . 27.47 -0.23 -11.46
C3 XYP B . 26.79 0.91 -10.69
C4 XYP B . 26.66 2.11 -11.62
C5 XYP B . 25.86 1.68 -12.85
O2 XYP B . 27.53 -1.38 -10.64
O3 XYP B . 27.57 1.27 -9.57
O4 XYP B . 25.99 3.16 -10.95
O5 XYP B . 26.54 0.62 -13.54
C1 MAN B . 27.87 -0.95 -17.41
C2 MAN B . 28.84 0.07 -17.99
C3 MAN B . 28.77 1.37 -17.21
C4 MAN B . 27.33 1.87 -17.11
C5 MAN B . 26.35 0.76 -16.69
C6 MAN B . 24.92 1.20 -16.95
O2 MAN B . 28.53 0.32 -19.36
O3 MAN B . 29.55 2.35 -17.86
O4 MAN B . 27.27 2.93 -16.17
O5 MAN B . 26.56 -0.43 -17.47
O6 MAN B . 24.76 1.59 -18.31
C1 MAN B . 29.07 -7.35 -13.42
C2 MAN B . 28.67 -8.45 -12.44
C3 MAN B . 29.84 -8.72 -11.50
C4 MAN B . 31.09 -9.08 -12.30
C5 MAN B . 31.38 -7.99 -13.33
C6 MAN B . 32.52 -8.32 -14.28
O2 MAN B . 28.35 -9.63 -13.16
O3 MAN B . 29.50 -9.77 -10.61
O4 MAN B . 32.19 -9.21 -11.44
O5 MAN B . 30.21 -7.77 -14.15
O6 MAN B . 32.58 -7.39 -15.34
C1 FUC B . 19.02 -6.85 -11.16
C2 FUC B . 18.40 -6.22 -12.40
C3 FUC B . 19.51 -5.70 -13.31
C4 FUC B . 20.49 -6.83 -13.63
C5 FUC B . 21.02 -7.44 -12.35
C6 FUC B . 21.89 -8.64 -12.61
O2 FUC B . 17.56 -5.15 -12.00
O3 FUC B . 18.95 -5.21 -14.51
O4 FUC B . 19.84 -7.82 -14.41
O5 FUC B . 19.93 -7.89 -11.53
C2 BGC C . -6.87 11.74 19.62
C3 BGC C . -6.33 11.08 18.37
C4 BGC C . -7.14 11.52 17.14
C5 BGC C . -7.19 13.04 17.08
C6 BGC C . -8.03 13.58 15.94
C1 BGC C . -6.92 13.25 19.42
O1 BGC C . -7.50 13.85 20.53
O2 BGC C . -6.05 11.42 20.73
O3 BGC C . -6.40 9.67 18.52
O4 BGC C . -6.50 11.04 15.93
O5 BGC C . -7.74 13.58 18.29
O6 BGC C . -9.21 12.80 15.76
C1 GAL C . -6.98 9.85 15.38
C2 GAL C . -6.45 9.75 13.94
C3 GAL C . -6.79 8.38 13.34
C4 GAL C . -6.24 7.29 14.26
C5 GAL C . -6.85 7.49 15.64
C6 GAL C . -6.39 6.45 16.64
O2 GAL C . -7.00 10.78 13.15
O3 GAL C . -6.21 8.26 12.05
O4 GAL C . -4.82 7.38 14.34
O5 GAL C . -6.47 8.77 16.18
O6 GAL C . -6.98 6.68 17.90
MN MN D . -10.33 4.41 4.01
CA CA E . -8.82 5.34 7.85
#